data_2XBY
#
_entry.id   2XBY
#
_cell.length_a   106.640
_cell.length_b   106.640
_cell.length_c   50.900
_cell.angle_alpha   90.00
_cell.angle_beta   90.00
_cell.angle_gamma   90.00
#
_symmetry.space_group_name_H-M   'P 43 21 2'
#
loop_
_entity.id
_entity.type
_entity.pdbx_description
1 polymer 'ACTIVATED FACTOR XA HEAVY CHAIN'
2 polymer 'FACTOR X LIGHT CHAIN'
3 non-polymer '(3R,4R)-1-METHYLCARBAMOYLMETHYL-PYRROLIDINE-3,4-DICARBOXYLIC ACID 3-[(4-CHLORO-PHENYL)-AMIDE] 4-{[2-FLUORO-4-(2-OXO-2H-PYRIDIN-1-YL)-PHENYL]-AMIDE}'
4 non-polymer 'CALCIUM ION'
5 non-polymer 'SODIUM ION'
6 water water
#
loop_
_entity_poly.entity_id
_entity_poly.type
_entity_poly.pdbx_seq_one_letter_code
_entity_poly.pdbx_strand_id
1 'polypeptide(L)'
;IVGGQECKDGECPWQALLINEENEGFCGGTILSEFYILTAAHCLYQAKRFKVRVGDRNTEQEEGGEAVHEVEVVIKHNRF
TKETYDFDIAVLRLKTPITFRMNVAPACLPERDWAESTLMTQKTGIVSGFGRTHEKGRQSTRLKMLEVPYVDRNSCKLSS
SFIITQNMFCAGYDTKQEDACQGDSGGPHVTRFKDTYFVTGIVSWGEGCARKGKYGIYTKVTAFLKWIDRSMKTRGLPKA
K
;
A
2 'polypeptide(L)' RKLCSLDNGDCDQFCHEEQNSVVCSCARGYTLADNGKACIPTGPYPCGKQTLERR L
#
# COMPACT_ATOMS: atom_id res chain seq x y z
N ILE A 1 0.18 13.34 -2.67
CA ILE A 1 0.38 12.87 -4.08
C ILE A 1 0.50 14.05 -5.06
N VAL A 2 1.69 14.22 -5.64
CA VAL A 2 1.90 15.28 -6.62
C VAL A 2 1.45 14.75 -7.99
N GLY A 3 0.51 15.45 -8.63
CA GLY A 3 0.00 15.02 -9.91
C GLY A 3 -1.09 14.00 -9.68
N GLY A 4 -1.30 13.08 -10.62
CA GLY A 4 -2.33 12.07 -10.45
C GLY A 4 -3.73 12.66 -10.35
N GLN A 5 -4.67 11.92 -9.78
CA GLN A 5 -6.05 12.39 -9.64
C GLN A 5 -6.69 11.98 -8.31
N GLU A 6 -7.95 12.36 -8.11
CA GLU A 6 -8.68 12.00 -6.91
C GLU A 6 -9.26 10.59 -7.08
N CYS A 7 -9.24 9.78 -6.02
CA CYS A 7 -9.84 8.45 -6.15
C CYS A 7 -11.34 8.63 -6.19
N LYS A 8 -12.02 7.90 -7.04
CA LYS A 8 -13.48 7.99 -7.09
C LYS A 8 -13.98 6.97 -6.06
N ASP A 9 -15.24 7.08 -5.70
CA ASP A 9 -15.90 6.21 -4.72
C ASP A 9 -15.64 4.72 -4.96
N GLY A 10 -15.17 4.04 -3.92
CA GLY A 10 -14.90 2.60 -4.02
C GLY A 10 -13.63 2.19 -4.76
N GLU A 11 -12.88 3.19 -5.25
CA GLU A 11 -11.67 2.94 -6.03
C GLU A 11 -10.40 2.64 -5.22
N CYS A 12 -10.27 3.20 -4.02
CA CYS A 12 -9.08 2.98 -3.18
C CYS A 12 -9.58 2.60 -1.77
N PRO A 13 -10.30 1.48 -1.68
CA PRO A 13 -10.89 0.91 -0.46
C PRO A 13 -9.98 0.43 0.66
N TRP A 14 -8.78 0.00 0.28
CA TRP A 14 -7.80 -0.51 1.23
C TRP A 14 -6.96 0.61 1.85
N GLN A 15 -7.29 1.86 1.54
CA GLN A 15 -6.53 2.99 2.11
C GLN A 15 -6.91 3.26 3.57
N ALA A 16 -5.92 3.54 4.41
CA ALA A 16 -6.17 3.88 5.81
C ALA A 16 -5.37 5.14 6.08
N LEU A 17 -5.75 5.88 7.11
CA LEU A 17 -5.04 7.11 7.45
C LEU A 17 -4.73 7.20 8.95
N LEU A 18 -3.46 7.42 9.30
CA LEU A 18 -3.07 7.53 10.73
C LEU A 18 -3.21 8.99 11.12
N ILE A 19 -3.93 9.26 12.22
CA ILE A 19 -4.15 10.64 12.67
C ILE A 19 -3.52 10.88 14.04
N ASN A 20 -2.90 12.05 14.21
CA ASN A 20 -2.23 12.37 15.47
C ASN A 20 -3.15 12.94 16.56
N GLU A 21 -2.54 13.41 17.65
CA GLU A 21 -3.27 13.99 18.79
C GLU A 21 -4.07 15.24 18.45
N GLU A 22 -3.75 15.87 17.31
CA GLU A 22 -4.44 17.07 16.82
C GLU A 22 -5.51 16.62 15.82
N ASN A 23 -5.67 15.31 15.72
CA ASN A 23 -6.64 14.71 14.82
C ASN A 23 -6.28 14.98 13.33
N GLU A 24 -5.00 15.26 13.08
CA GLU A 24 -4.48 15.53 11.74
C GLU A 24 -3.75 14.32 11.12
N GLY A 25 -4.00 14.07 9.83
CA GLY A 25 -3.35 12.96 9.14
C GLY A 25 -1.87 13.19 8.93
N PHE A 26 -1.06 12.16 9.09
CA PHE A 26 0.39 12.33 8.91
C PHE A 26 1.09 11.20 8.15
N CYS A 27 0.37 10.11 7.89
CA CYS A 27 0.91 8.94 7.18
C CYS A 27 -0.27 8.07 6.75
N GLY A 28 -0.03 7.20 5.78
CA GLY A 28 -1.07 6.28 5.35
C GLY A 28 -0.84 4.89 5.94
N GLY A 29 -1.68 3.96 5.50
CA GLY A 29 -1.60 2.56 5.90
C GLY A 29 -2.43 1.73 4.91
N THR A 30 -2.25 0.41 4.91
CA THR A 30 -3.03 -0.45 4.02
C THR A 30 -3.81 -1.50 4.85
N ILE A 31 -5.10 -1.64 4.57
CA ILE A 31 -5.94 -2.60 5.26
C ILE A 31 -5.60 -3.99 4.74
N LEU A 32 -5.20 -4.86 5.67
CA LEU A 32 -4.82 -6.23 5.35
C LEU A 32 -5.89 -7.23 5.77
N SER A 33 -6.61 -6.94 6.84
CA SER A 33 -7.68 -7.84 7.33
C SER A 33 -8.55 -7.02 8.27
N GLU A 34 -9.51 -7.67 8.93
CA GLU A 34 -10.38 -6.89 9.82
C GLU A 34 -9.64 -6.36 11.06
N PHE A 35 -8.53 -6.99 11.42
CA PHE A 35 -7.75 -6.54 12.57
C PHE A 35 -6.38 -5.89 12.27
N TYR A 36 -5.87 -6.00 11.04
CA TYR A 36 -4.53 -5.47 10.75
C TYR A 36 -4.30 -4.44 9.67
N ILE A 37 -3.49 -3.45 10.03
CA ILE A 37 -3.09 -2.36 9.15
C ILE A 37 -1.58 -2.50 8.85
N LEU A 38 -1.20 -2.34 7.58
CA LEU A 38 0.22 -2.40 7.18
C LEU A 38 0.69 -0.95 7.01
N THR A 39 1.83 -0.59 7.61
CA THR A 39 2.37 0.78 7.46
C THR A 39 3.92 0.82 7.49
N ALA A 40 4.52 2.01 7.52
CA ALA A 40 5.98 2.10 7.51
C ALA A 40 6.47 2.27 8.93
N ALA A 41 7.57 1.61 9.27
CA ALA A 41 8.14 1.74 10.59
C ALA A 41 8.52 3.21 10.92
N HIS A 42 9.01 3.99 9.96
CA HIS A 42 9.43 5.37 10.28
C HIS A 42 8.28 6.32 10.70
N CYS A 43 7.05 5.97 10.33
CA CYS A 43 5.88 6.77 10.72
C CYS A 43 5.63 6.65 12.23
N LEU A 44 6.08 5.55 12.85
CA LEU A 44 5.84 5.36 14.27
C LEU A 44 6.49 6.44 15.10
N TYR A 45 7.49 7.09 14.53
CA TYR A 45 8.24 8.14 15.22
C TYR A 45 7.63 9.54 15.11
N GLN A 46 6.86 9.76 14.05
CA GLN A 46 6.30 11.08 13.78
C GLN A 46 5.13 11.59 14.61
N ALA A 47 4.79 10.90 15.69
CA ALA A 47 3.68 11.34 16.53
C ALA A 47 3.71 10.63 17.87
N LYS A 48 3.48 11.37 18.97
CA LYS A 48 3.52 10.72 20.27
C LYS A 48 2.44 9.64 20.44
N ARG A 49 1.30 9.81 19.78
CA ARG A 49 0.19 8.86 19.83
C ARG A 49 -0.70 9.01 18.58
N PHE A 50 -1.30 7.91 18.13
CA PHE A 50 -2.13 7.98 16.94
C PHE A 50 -3.23 6.93 16.88
N LYS A 51 -4.23 7.21 16.04
CA LYS A 51 -5.35 6.28 15.79
C LYS A 51 -5.43 6.07 14.28
N VAL A 52 -6.27 5.14 13.87
CA VAL A 52 -6.41 4.86 12.45
C VAL A 52 -7.83 5.20 11.96
N ARG A 53 -7.92 5.92 10.86
CA ARG A 53 -9.22 6.25 10.31
C ARG A 53 -9.37 5.55 8.95
N VAL A 54 -10.45 4.79 8.80
CA VAL A 54 -10.76 4.12 7.54
C VAL A 54 -12.02 4.73 6.90
N GLY A 55 -12.16 4.55 5.59
CA GLY A 55 -13.31 5.08 4.86
C GLY A 55 -13.40 6.57 4.55
N ASP A 56 -12.37 7.36 4.82
CA ASP A 56 -12.46 8.78 4.55
C ASP A 56 -11.93 9.15 3.16
N ARG A 57 -12.64 10.04 2.47
CA ARG A 57 -12.23 10.50 1.14
C ARG A 57 -11.96 12.00 1.13
N ASN A 58 -12.57 12.69 2.09
CA ASN A 58 -12.39 14.12 2.25
C ASN A 58 -12.16 14.40 3.74
N THR A 59 -10.98 14.89 4.09
CA THR A 59 -10.71 15.15 5.51
C THR A 59 -11.36 16.41 6.08
N GLU A 60 -11.90 17.27 5.22
CA GLU A 60 -12.56 18.49 5.69
C GLU A 60 -14.08 18.32 5.94
N GLN A 61 -14.61 17.13 5.62
CA GLN A 61 -16.03 16.86 5.80
C GLN A 61 -16.27 15.44 6.33
N GLU A 62 -17.22 15.27 7.24
CA GLU A 62 -17.52 13.95 7.75
C GLU A 62 -18.61 13.30 6.89
N GLU A 63 -18.20 12.37 6.03
CA GLU A 63 -19.14 11.69 5.17
C GLU A 63 -19.36 10.26 5.65
N GLY A 64 -20.54 9.72 5.38
CA GLY A 64 -20.84 8.36 5.81
C GLY A 64 -19.76 7.37 5.46
N GLY A 65 -19.54 6.39 6.33
CA GLY A 65 -18.51 5.41 6.08
C GLY A 65 -17.23 5.59 6.89
N GLU A 66 -16.97 6.80 7.36
CA GLU A 66 -15.80 7.05 8.18
C GLU A 66 -15.94 6.45 9.58
N ALA A 67 -14.87 5.85 10.07
CA ALA A 67 -14.83 5.25 11.40
C ALA A 67 -13.39 5.28 11.91
N VAL A 68 -13.26 5.48 13.22
CA VAL A 68 -11.95 5.57 13.89
C VAL A 68 -11.66 4.31 14.71
N HIS A 69 -10.42 3.84 14.66
CA HIS A 69 -10.04 2.65 15.41
C HIS A 69 -8.80 2.90 16.27
N GLU A 70 -8.80 2.38 17.49
CA GLU A 70 -7.64 2.51 18.37
C GLU A 70 -6.70 1.35 18.08
N VAL A 71 -5.40 1.60 18.22
CA VAL A 71 -4.42 0.56 17.95
C VAL A 71 -4.14 -0.22 19.23
N GLU A 72 -4.20 -1.54 19.16
CA GLU A 72 -3.92 -2.34 20.35
C GLU A 72 -2.44 -2.75 20.48
N VAL A 73 -1.83 -3.20 19.38
CA VAL A 73 -0.43 -3.61 19.41
C VAL A 73 0.34 -3.05 18.22
N VAL A 74 1.54 -2.52 18.47
CA VAL A 74 2.38 -1.99 17.39
C VAL A 74 3.52 -2.99 17.21
N ILE A 75 3.65 -3.55 16.01
CA ILE A 75 4.72 -4.49 15.71
C ILE A 75 5.66 -3.88 14.66
N LYS A 76 6.76 -3.32 15.14
CA LYS A 76 7.77 -2.68 14.30
C LYS A 76 8.90 -3.65 13.96
N HIS A 77 9.38 -3.66 12.72
CA HIS A 77 10.51 -4.55 12.38
C HIS A 77 11.71 -4.17 13.24
N ASN A 78 12.31 -5.14 13.91
CA ASN A 78 13.45 -4.88 14.78
C ASN A 78 14.72 -4.38 14.09
N ARG A 79 14.85 -4.53 12.78
CA ARG A 79 16.07 -4.06 12.12
C ARG A 79 15.96 -2.67 11.47
N PHE A 80 14.80 -2.04 11.61
CA PHE A 80 14.64 -0.68 11.06
C PHE A 80 15.51 0.37 11.77
N THR A 81 16.10 1.25 10.99
CA THR A 81 16.88 2.36 11.55
C THR A 81 16.84 3.54 10.61
N LYS A 82 16.86 4.73 11.18
CA LYS A 82 16.83 5.94 10.37
C LYS A 82 18.14 6.14 9.64
N GLU A 83 19.18 5.43 10.05
CA GLU A 83 20.47 5.58 9.38
C GLU A 83 20.38 5.19 7.90
N THR A 84 19.71 4.07 7.61
CA THR A 84 19.59 3.57 6.24
C THR A 84 18.16 3.54 5.67
N TYR A 85 17.17 3.68 6.55
CA TYR A 85 15.74 3.56 6.17
C TYR A 85 15.40 2.14 5.62
N ASP A 86 16.24 1.17 5.96
CA ASP A 86 16.04 -0.23 5.54
C ASP A 86 15.05 -0.91 6.48
N PHE A 87 14.38 -1.96 6.02
CA PHE A 87 13.41 -2.67 6.87
C PHE A 87 12.29 -1.71 7.33
N ASP A 88 11.87 -0.82 6.44
CA ASP A 88 10.84 0.18 6.78
C ASP A 88 9.42 -0.38 6.73
N ILE A 89 9.07 -1.14 7.76
CA ILE A 89 7.77 -1.76 7.80
C ILE A 89 7.27 -2.05 9.21
N ALA A 90 5.98 -1.92 9.40
CA ALA A 90 5.34 -2.22 10.68
C ALA A 90 3.91 -2.74 10.46
N VAL A 91 3.43 -3.52 11.43
CA VAL A 91 2.08 -4.05 11.40
C VAL A 91 1.35 -3.55 12.66
N LEU A 92 0.09 -3.16 12.49
CA LEU A 92 -0.71 -2.65 13.62
C LEU A 92 -1.95 -3.51 13.85
N ARG A 93 -2.16 -3.96 15.08
CA ARG A 93 -3.35 -4.73 15.42
C ARG A 93 -4.36 -3.77 16.09
N LEU A 94 -5.56 -3.68 15.52
CA LEU A 94 -6.60 -2.80 16.05
C LEU A 94 -7.32 -3.43 17.26
N LYS A 95 -7.84 -2.57 18.14
CA LYS A 95 -8.57 -3.00 19.35
C LYS A 95 -9.88 -3.71 18.93
N THR A 96 -10.57 -3.14 17.95
CA THR A 96 -11.82 -3.68 17.43
C THR A 96 -11.76 -3.88 15.92
N PRO A 97 -12.42 -4.92 15.42
CA PRO A 97 -12.47 -5.28 13.99
C PRO A 97 -13.14 -4.26 13.06
N ILE A 98 -12.58 -4.15 11.86
CA ILE A 98 -13.10 -3.24 10.82
C ILE A 98 -14.32 -3.86 10.15
N THR A 99 -15.35 -3.06 9.88
CA THR A 99 -16.52 -3.58 9.17
C THR A 99 -16.33 -3.23 7.70
N PHE A 100 -16.19 -4.22 6.84
CA PHE A 100 -15.98 -3.96 5.43
C PHE A 100 -17.27 -3.44 4.78
N ARG A 101 -17.13 -2.43 3.94
CA ARG A 101 -18.25 -1.80 3.28
C ARG A 101 -17.73 -0.99 2.08
N MET A 102 -18.58 -0.13 1.51
CA MET A 102 -18.15 0.72 0.40
C MET A 102 -16.98 1.59 0.88
N ASN A 103 -15.85 1.52 0.17
CA ASN A 103 -14.64 2.28 0.50
C ASN A 103 -13.82 1.73 1.65
N VAL A 104 -14.12 0.51 2.06
CA VAL A 104 -13.41 -0.13 3.16
C VAL A 104 -13.34 -1.62 2.88
N ALA A 105 -12.24 -2.07 2.29
CA ALA A 105 -12.01 -3.48 1.96
C ALA A 105 -10.50 -3.72 1.89
N PRO A 106 -10.06 -4.92 2.23
CA PRO A 106 -8.63 -5.23 2.22
C PRO A 106 -7.97 -5.48 0.85
N ALA A 107 -6.66 -5.24 0.80
CA ALA A 107 -5.85 -5.47 -0.40
C ALA A 107 -5.34 -6.91 -0.19
N CYS A 108 -5.16 -7.67 -1.28
CA CYS A 108 -4.70 -9.05 -1.15
C CYS A 108 -3.18 -9.22 -1.00
N LEU A 109 -2.78 -10.17 -0.16
CA LEU A 109 -1.37 -10.49 0.02
C LEU A 109 -1.05 -11.65 -0.97
N PRO A 110 0.04 -11.54 -1.77
CA PRO A 110 0.39 -12.60 -2.72
C PRO A 110 1.34 -13.64 -2.12
N GLU A 111 1.63 -14.69 -2.90
CA GLU A 111 2.58 -15.72 -2.48
C GLU A 111 3.94 -15.21 -2.97
N ARG A 112 4.98 -15.38 -2.16
CA ARG A 112 6.30 -14.86 -2.50
C ARG A 112 6.86 -15.07 -3.91
N ASP A 113 7.20 -16.33 -4.22
CA ASP A 113 7.77 -16.69 -5.52
C ASP A 113 6.95 -16.26 -6.72
N TRP A 114 5.63 -16.29 -6.59
CA TRP A 114 4.76 -15.89 -7.68
C TRP A 114 4.81 -14.38 -7.81
N ALA A 115 4.84 -13.67 -6.69
CA ALA A 115 4.86 -12.21 -6.74
C ALA A 115 6.13 -11.70 -7.45
N GLU A 116 7.28 -12.29 -7.11
CA GLU A 116 8.57 -11.91 -7.71
C GLU A 116 8.57 -12.02 -9.22
N SER A 117 7.94 -13.05 -9.74
CA SER A 117 7.91 -13.25 -11.18
C SER A 117 6.70 -12.69 -11.91
N THR A 118 5.55 -12.62 -11.26
CA THR A 118 4.35 -12.17 -11.97
C THR A 118 3.87 -10.75 -11.68
N LEU A 119 4.08 -10.27 -10.46
CA LEU A 119 3.65 -8.93 -10.11
C LEU A 119 4.78 -7.90 -10.26
N MET A 120 5.94 -8.19 -9.70
CA MET A 120 7.05 -7.24 -9.77
C MET A 120 7.50 -7.00 -11.22
N THR A 121 7.09 -7.86 -12.14
CA THR A 121 7.48 -7.72 -13.55
C THR A 121 6.45 -6.96 -14.39
N GLN A 122 5.38 -6.53 -13.76
CA GLN A 122 4.35 -5.76 -14.45
C GLN A 122 4.97 -4.40 -14.76
N LYS A 123 4.31 -3.65 -15.61
CA LYS A 123 4.82 -2.35 -15.98
C LYS A 123 4.51 -1.24 -14.95
N THR A 124 3.41 -1.40 -14.22
CA THR A 124 2.99 -0.39 -13.25
C THR A 124 2.29 -0.91 -12.00
N GLY A 125 2.08 0.02 -11.07
CA GLY A 125 1.38 -0.25 -9.83
C GLY A 125 0.67 1.05 -9.46
N ILE A 126 -0.15 1.04 -8.42
CA ILE A 126 -0.87 2.26 -8.01
C ILE A 126 -0.53 2.71 -6.57
N VAL A 127 -0.19 3.99 -6.38
CA VAL A 127 0.09 4.51 -5.03
C VAL A 127 -1.01 5.55 -4.67
N SER A 128 -1.38 5.63 -3.40
CA SER A 128 -2.41 6.59 -2.97
C SER A 128 -2.20 7.19 -1.57
N GLY A 129 -2.87 8.31 -1.30
CA GLY A 129 -2.76 8.96 0.00
C GLY A 129 -3.21 10.43 0.03
N PHE A 130 -3.21 11.00 1.23
CA PHE A 130 -3.61 12.39 1.45
C PHE A 130 -2.47 13.37 1.56
N GLY A 131 -1.26 12.97 1.18
CA GLY A 131 -0.11 13.85 1.32
C GLY A 131 -0.07 15.13 0.51
N ARG A 132 1.04 15.86 0.60
CA ARG A 132 1.22 17.12 -0.14
C ARG A 132 1.02 16.99 -1.66
N THR A 133 0.55 18.08 -2.28
CA THR A 133 0.34 18.11 -3.72
C THR A 133 1.52 18.76 -4.39
N HIS A 134 2.47 19.23 -3.56
CA HIS A 134 3.72 19.83 -4.03
C HIS A 134 4.76 19.68 -2.93
N GLU A 135 6.03 19.59 -3.31
CA GLU A 135 7.08 19.39 -2.33
C GLU A 135 6.98 20.25 -1.05
N LYS A 136 6.70 21.55 -1.20
CA LYS A 136 6.63 22.44 -0.04
C LYS A 136 5.22 22.96 0.27
N GLY A 137 4.20 22.37 -0.35
CA GLY A 137 2.84 22.83 -0.12
C GLY A 137 2.08 22.09 0.97
N ARG A 138 0.76 22.29 0.99
CA ARG A 138 -0.14 21.67 1.97
C ARG A 138 -0.59 20.26 1.60
N GLN A 139 -1.11 19.54 2.59
CA GLN A 139 -1.61 18.19 2.35
C GLN A 139 -2.94 18.33 1.62
N SER A 140 -3.26 17.33 0.80
CA SER A 140 -4.52 17.34 0.05
C SER A 140 -5.68 16.98 0.98
N THR A 141 -6.82 17.66 0.83
CA THR A 141 -7.94 17.32 1.69
C THR A 141 -8.70 16.12 1.13
N ARG A 142 -8.37 15.72 -0.10
CA ARG A 142 -9.04 14.58 -0.75
C ARG A 142 -8.11 13.41 -1.07
N LEU A 143 -8.62 12.18 -0.96
CA LEU A 143 -7.83 10.99 -1.27
C LEU A 143 -7.45 10.97 -2.75
N LYS A 144 -6.15 10.94 -3.04
CA LYS A 144 -5.61 10.93 -4.43
C LYS A 144 -4.89 9.62 -4.76
N MET A 145 -4.79 9.32 -6.04
CA MET A 145 -4.11 8.13 -6.51
C MET A 145 -3.21 8.46 -7.70
N LEU A 146 -2.25 7.60 -7.99
CA LEU A 146 -1.32 7.82 -9.10
C LEU A 146 -0.70 6.53 -9.63
N GLU A 147 -0.66 6.39 -10.94
CA GLU A 147 -0.08 5.20 -11.53
C GLU A 147 1.43 5.46 -11.65
N VAL A 148 2.25 4.57 -11.11
CA VAL A 148 3.69 4.77 -11.19
C VAL A 148 4.42 3.61 -11.86
N PRO A 149 5.22 3.91 -12.90
CA PRO A 149 5.96 2.84 -13.57
C PRO A 149 7.04 2.27 -12.65
N TYR A 150 7.24 0.95 -12.69
CA TYR A 150 8.30 0.30 -11.95
C TYR A 150 9.58 0.81 -12.61
N VAL A 151 10.61 1.05 -11.82
CA VAL A 151 11.87 1.58 -12.33
C VAL A 151 13.04 0.65 -12.13
N ASP A 152 13.87 0.51 -13.17
CA ASP A 152 15.02 -0.39 -13.09
C ASP A 152 15.89 -0.11 -11.86
N ARG A 153 16.16 -1.16 -11.08
CA ARG A 153 16.96 -1.02 -9.87
C ARG A 153 18.33 -0.35 -10.10
N ASN A 154 19.04 -0.72 -11.17
CA ASN A 154 20.36 -0.14 -11.43
C ASN A 154 20.30 1.34 -11.83
N SER A 155 19.29 1.72 -12.62
CA SER A 155 19.10 3.12 -12.99
C SER A 155 18.79 3.90 -11.68
N CYS A 156 18.00 3.31 -10.81
CA CYS A 156 17.65 3.98 -9.56
C CYS A 156 18.90 4.21 -8.67
N LYS A 157 19.71 3.18 -8.50
CA LYS A 157 20.92 3.33 -7.67
C LYS A 157 21.78 4.47 -8.19
N LEU A 158 21.92 4.60 -9.51
CA LEU A 158 22.72 5.68 -10.08
C LEU A 158 22.17 7.07 -9.77
N SER A 159 20.85 7.19 -9.71
CA SER A 159 20.20 8.48 -9.43
C SER A 159 20.12 8.85 -7.95
N SER A 160 20.43 7.91 -7.06
CA SER A 160 20.26 8.14 -5.63
C SER A 160 21.48 8.52 -4.79
N SER A 161 21.28 9.42 -3.82
CA SER A 161 22.38 9.81 -2.95
C SER A 161 22.56 8.74 -1.88
N PHE A 162 21.51 7.95 -1.66
CA PHE A 162 21.55 6.93 -0.61
C PHE A 162 21.47 5.50 -1.16
N ILE A 163 21.90 4.55 -0.35
CA ILE A 163 21.88 3.15 -0.75
C ILE A 163 20.48 2.54 -0.95
N ILE A 164 20.29 1.91 -2.11
CA ILE A 164 19.02 1.23 -2.38
C ILE A 164 19.27 -0.23 -2.01
N THR A 165 18.55 -0.78 -1.02
CA THR A 165 18.76 -2.18 -0.64
C THR A 165 17.76 -3.13 -1.30
N GLN A 166 17.99 -4.44 -1.15
CA GLN A 166 17.08 -5.45 -1.71
C GLN A 166 15.71 -5.39 -1.03
N ASN A 167 15.59 -4.64 0.09
CA ASN A 167 14.30 -4.53 0.78
C ASN A 167 13.47 -3.37 0.27
N MET A 168 13.98 -2.73 -0.79
CA MET A 168 13.33 -1.58 -1.42
C MET A 168 13.25 -1.80 -2.91
N PHE A 169 12.39 -1.03 -3.57
CA PHE A 169 12.31 -1.02 -5.05
C PHE A 169 11.91 0.41 -5.41
N CYS A 170 12.18 0.81 -6.65
CA CYS A 170 11.92 2.16 -7.07
C CYS A 170 10.77 2.28 -8.08
N ALA A 171 10.08 3.40 -8.04
CA ALA A 171 8.93 3.60 -8.96
C ALA A 171 8.67 5.09 -9.18
N GLY A 172 8.09 5.41 -10.34
CA GLY A 172 7.81 6.80 -10.66
C GLY A 172 8.35 7.27 -11.99
N TYR A 173 8.70 8.55 -12.04
CA TYR A 173 9.19 9.18 -13.25
C TYR A 173 10.47 10.00 -13.05
N ASP A 174 11.24 10.06 -14.12
CA ASP A 174 12.51 10.79 -14.14
C ASP A 174 12.27 12.31 -14.10
N THR A 175 11.48 12.83 -15.01
CA THR A 175 11.22 14.29 -15.10
C THR A 175 9.76 14.74 -15.04
N LYS A 176 8.85 13.86 -15.40
CA LYS A 176 7.43 14.18 -15.38
C LYS A 176 7.13 14.52 -13.91
N GLN A 177 6.29 15.52 -13.67
CA GLN A 177 5.97 15.93 -12.30
C GLN A 177 4.84 15.17 -11.58
N GLU A 178 5.04 13.87 -11.39
CA GLU A 178 4.11 13.00 -10.69
C GLU A 178 4.94 12.12 -9.75
N ASP A 179 4.51 11.97 -8.50
CA ASP A 179 5.25 11.18 -7.50
C ASP A 179 4.43 11.21 -6.20
N ALA A 180 4.87 10.44 -5.20
CA ALA A 180 4.19 10.45 -3.92
C ALA A 180 4.89 11.55 -3.15
N CYS A 181 4.46 11.86 -1.94
CA CYS A 181 5.15 12.92 -1.21
C CYS A 181 4.94 12.85 0.30
N GLN A 182 5.48 13.84 1.02
CA GLN A 182 5.34 13.88 2.47
C GLN A 182 3.85 13.81 2.80
N GLY A 183 3.50 12.87 3.67
CA GLY A 183 2.11 12.71 4.03
C GLY A 183 1.59 11.38 3.49
N ASP A 184 2.16 10.91 2.39
CA ASP A 184 1.74 9.63 1.79
C ASP A 184 2.49 8.41 2.38
N SER A 185 3.60 8.67 3.06
CA SER A 185 4.42 7.62 3.68
C SER A 185 3.58 6.61 4.48
N GLY A 186 3.92 5.33 4.37
CA GLY A 186 3.19 4.31 5.08
C GLY A 186 2.02 3.77 4.27
N GLY A 187 1.64 4.53 3.24
CA GLY A 187 0.53 4.15 2.37
C GLY A 187 0.74 2.98 1.43
N PRO A 188 -0.34 2.57 0.73
CA PRO A 188 -0.22 1.45 -0.19
C PRO A 188 0.30 1.74 -1.59
N HIS A 189 0.93 0.71 -2.14
CA HIS A 189 1.41 0.66 -3.51
C HIS A 189 0.83 -0.72 -3.84
N VAL A 190 -0.08 -0.77 -4.82
CA VAL A 190 -0.69 -2.04 -5.20
C VAL A 190 -0.50 -2.31 -6.69
N THR A 191 -0.51 -3.59 -7.05
CA THR A 191 -0.33 -3.98 -8.43
C THR A 191 -1.48 -4.85 -8.89
N ARG A 192 -2.04 -4.49 -10.03
CA ARG A 192 -3.18 -5.23 -10.57
C ARG A 192 -2.79 -6.43 -11.41
N PHE A 193 -3.33 -7.60 -11.06
CA PHE A 193 -3.10 -8.78 -11.86
C PHE A 193 -4.47 -9.30 -12.26
N LYS A 194 -4.76 -9.25 -13.55
CA LYS A 194 -6.05 -9.65 -14.08
C LYS A 194 -7.06 -8.68 -13.48
N ASP A 195 -7.84 -9.13 -12.50
CA ASP A 195 -8.77 -8.20 -11.88
C ASP A 195 -8.72 -8.22 -10.35
N THR A 196 -7.52 -8.44 -9.81
CA THR A 196 -7.34 -8.44 -8.36
C THR A 196 -6.13 -7.58 -8.03
N TYR A 197 -6.27 -6.71 -7.02
CA TYR A 197 -5.16 -5.84 -6.61
C TYR A 197 -4.38 -6.45 -5.46
N PHE A 198 -3.07 -6.54 -5.64
CA PHE A 198 -2.21 -7.11 -4.62
C PHE A 198 -1.25 -6.06 -4.07
N VAL A 199 -1.10 -6.04 -2.75
CA VAL A 199 -0.21 -5.08 -2.13
C VAL A 199 1.24 -5.50 -2.43
N THR A 200 1.98 -4.57 -3.04
CA THR A 200 3.36 -4.81 -3.45
C THR A 200 4.39 -3.88 -2.76
N GLY A 201 3.96 -2.70 -2.34
CA GLY A 201 4.89 -1.80 -1.68
C GLY A 201 4.30 -0.95 -0.57
N ILE A 202 5.19 -0.28 0.18
CA ILE A 202 4.81 0.64 1.24
C ILE A 202 5.57 1.95 0.91
N VAL A 203 4.84 3.06 0.79
CA VAL A 203 5.46 4.37 0.50
C VAL A 203 6.50 4.60 1.58
N SER A 204 7.78 4.76 1.18
CA SER A 204 8.86 4.90 2.16
C SER A 204 9.62 6.24 2.19
N TRP A 205 10.35 6.58 1.12
CA TRP A 205 11.05 7.87 1.10
C TRP A 205 11.37 8.34 -0.31
N GLY A 206 11.93 9.54 -0.41
CA GLY A 206 12.32 10.12 -1.69
C GLY A 206 13.05 11.42 -1.41
N GLU A 207 13.94 11.85 -2.32
CA GLU A 207 14.68 13.09 -2.12
C GLU A 207 13.81 14.19 -2.72
N GLY A 208 13.09 14.89 -1.84
CA GLY A 208 12.16 15.91 -2.28
C GLY A 208 10.93 15.14 -2.72
N CYS A 209 10.23 15.65 -3.72
CA CYS A 209 9.03 15.02 -4.28
C CYS A 209 8.99 15.42 -5.75
N ALA A 210 8.74 14.45 -6.63
CA ALA A 210 8.69 14.73 -8.06
C ALA A 210 9.93 15.48 -8.63
N ARG A 211 11.10 15.37 -8.01
CA ARG A 211 12.29 16.05 -8.51
C ARG A 211 12.89 15.38 -9.79
N LYS A 212 13.45 16.20 -10.68
CA LYS A 212 14.06 15.69 -11.92
C LYS A 212 15.28 14.83 -11.56
N GLY A 213 15.38 13.64 -12.13
CA GLY A 213 16.51 12.77 -11.79
C GLY A 213 16.32 11.95 -10.51
N LYS A 214 15.14 12.05 -9.88
CA LYS A 214 14.93 11.29 -8.67
C LYS A 214 13.63 10.47 -8.76
N TYR A 215 13.59 9.32 -8.11
CA TYR A 215 12.42 8.46 -8.12
C TYR A 215 11.81 8.25 -6.71
N GLY A 216 10.64 7.62 -6.66
CA GLY A 216 10.05 7.32 -5.36
C GLY A 216 10.58 5.98 -4.84
N ILE A 217 10.86 5.86 -3.54
CA ILE A 217 11.39 4.59 -2.98
C ILE A 217 10.32 3.91 -2.08
N TYR A 218 10.14 2.62 -2.31
CA TYR A 218 9.15 1.82 -1.60
C TYR A 218 9.73 0.59 -0.90
N THR A 219 9.15 0.21 0.25
CA THR A 219 9.56 -0.99 0.92
C THR A 219 9.00 -2.16 0.05
N LYS A 220 9.85 -3.12 -0.30
CA LYS A 220 9.46 -4.28 -1.12
C LYS A 220 8.73 -5.34 -0.28
N VAL A 221 7.41 -5.37 -0.41
CA VAL A 221 6.62 -6.28 0.38
C VAL A 221 6.94 -7.77 0.22
N THR A 222 7.27 -8.22 -1.00
CA THR A 222 7.57 -9.65 -1.21
C THR A 222 8.71 -10.14 -0.30
N ALA A 223 9.60 -9.22 0.11
CA ALA A 223 10.71 -9.60 0.97
C ALA A 223 10.27 -9.82 2.42
N PHE A 224 9.08 -9.36 2.76
CA PHE A 224 8.61 -9.51 4.13
C PHE A 224 7.29 -10.28 4.24
N LEU A 225 6.93 -11.04 3.22
CA LEU A 225 5.67 -11.79 3.29
C LEU A 225 5.62 -12.76 4.47
N LYS A 226 6.74 -13.41 4.80
CA LYS A 226 6.77 -14.32 5.95
C LYS A 226 6.73 -13.55 7.28
N TRP A 227 7.37 -12.39 7.32
CA TRP A 227 7.38 -11.55 8.52
C TRP A 227 5.95 -11.06 8.81
N ILE A 228 5.26 -10.64 7.77
CA ILE A 228 3.92 -10.17 7.95
C ILE A 228 3.06 -11.31 8.46
N ASP A 229 3.18 -12.47 7.82
CA ASP A 229 2.38 -13.62 8.23
C ASP A 229 2.60 -14.00 9.69
N ARG A 230 3.84 -13.96 10.16
CA ARG A 230 4.13 -14.29 11.55
C ARG A 230 3.53 -13.22 12.48
N SER A 231 3.76 -11.95 12.11
CA SER A 231 3.27 -10.81 12.87
C SER A 231 1.75 -10.81 13.04
N MET A 232 1.03 -11.27 12.02
CA MET A 232 -0.43 -11.28 12.10
C MET A 232 -0.97 -12.41 12.95
N LYS A 233 -0.14 -13.40 13.22
CA LYS A 233 -0.57 -14.51 14.05
C LYS A 233 -0.16 -14.25 15.51
N THR A 234 0.06 -12.98 15.82
CA THR A 234 0.44 -12.54 17.16
C THR A 234 1.69 -13.25 17.66
N ARG A 235 2.81 -12.87 17.24
N CYS B 4 3.94 -22.57 -15.76
CA CYS B 4 3.26 -21.28 -15.44
C CYS B 4 3.90 -20.14 -16.19
N SER B 5 5.07 -20.38 -16.74
CA SER B 5 5.81 -19.36 -17.47
C SER B 5 5.09 -18.81 -18.71
N LEU B 6 3.91 -19.34 -19.00
CA LEU B 6 3.15 -18.86 -20.15
C LEU B 6 1.71 -18.55 -19.76
N ASP B 7 1.28 -17.32 -20.04
CA ASP B 7 -0.07 -16.89 -19.73
C ASP B 7 -0.48 -17.27 -18.30
N ASN B 8 0.48 -17.23 -17.39
CA ASN B 8 0.25 -17.56 -15.98
C ASN B 8 -0.47 -18.91 -15.84
N GLY B 9 -0.11 -19.86 -16.70
CA GLY B 9 -0.75 -21.16 -16.66
C GLY B 9 -2.24 -21.03 -16.85
N ASP B 10 -2.64 -19.93 -17.47
CA ASP B 10 -4.06 -19.65 -17.71
C ASP B 10 -4.80 -19.45 -16.38
N CYS B 11 -4.06 -19.02 -15.36
CA CYS B 11 -4.64 -18.79 -14.03
C CYS B 11 -5.21 -17.39 -13.85
N ASP B 12 -6.06 -17.24 -12.84
CA ASP B 12 -6.67 -15.95 -12.51
C ASP B 12 -5.90 -15.35 -11.34
N GLN B 13 -5.23 -16.20 -10.57
CA GLN B 13 -4.43 -15.79 -9.43
C GLN B 13 -3.11 -16.56 -9.30
N PHE B 14 -2.89 -17.23 -8.18
CA PHE B 14 -1.64 -17.97 -7.97
C PHE B 14 -1.53 -19.24 -8.81
N CYS B 15 -0.35 -19.45 -9.41
CA CYS B 15 -0.10 -20.60 -10.27
C CYS B 15 0.87 -21.62 -9.69
N VAL B 23 -0.92 -25.69 -12.02
CA VAL B 23 -1.81 -25.67 -10.86
C VAL B 23 -2.14 -24.25 -10.41
N CYS B 24 -3.39 -23.84 -10.63
CA CYS B 24 -3.82 -22.51 -10.22
C CYS B 24 -4.23 -22.52 -8.74
N SER B 25 -4.59 -21.36 -8.21
CA SER B 25 -5.00 -21.21 -6.81
C SER B 25 -5.40 -19.76 -6.53
N CYS B 26 -5.81 -19.45 -5.30
CA CYS B 26 -6.23 -18.08 -4.98
C CYS B 26 -5.94 -17.61 -3.55
N ALA B 27 -6.17 -16.32 -3.29
CA ALA B 27 -5.94 -15.72 -1.98
C ALA B 27 -7.11 -15.96 -1.03
N ARG B 28 -6.85 -15.84 0.27
CA ARG B 28 -7.86 -16.02 1.31
C ARG B 28 -9.11 -15.21 1.00
N GLY B 29 -10.27 -15.83 1.15
CA GLY B 29 -11.51 -15.11 0.86
C GLY B 29 -11.99 -15.45 -0.54
N TYR B 30 -11.26 -16.36 -1.18
CA TYR B 30 -11.58 -16.83 -2.53
C TYR B 30 -11.46 -18.35 -2.56
N THR B 31 -12.15 -18.96 -3.52
CA THR B 31 -12.10 -20.41 -3.71
C THR B 31 -11.97 -20.61 -5.22
N LEU B 32 -11.19 -21.62 -5.62
CA LEU B 32 -10.97 -21.88 -7.04
C LEU B 32 -12.22 -22.44 -7.72
N ALA B 33 -12.59 -21.82 -8.83
CA ALA B 33 -13.77 -22.24 -9.60
C ALA B 33 -13.59 -23.67 -10.12
N ASP B 34 -14.72 -24.30 -10.48
CA ASP B 34 -14.73 -25.67 -10.99
C ASP B 34 -13.65 -25.96 -12.05
N ASN B 35 -13.57 -25.10 -13.07
CA ASN B 35 -12.59 -25.30 -14.13
C ASN B 35 -11.15 -25.35 -13.58
N GLY B 36 -10.94 -24.74 -12.42
CA GLY B 36 -9.61 -24.74 -11.81
C GLY B 36 -8.71 -23.61 -12.28
N LYS B 37 -9.31 -22.55 -12.81
CA LYS B 37 -8.56 -21.40 -13.31
C LYS B 37 -9.07 -20.07 -12.77
N ALA B 38 -10.39 -19.89 -12.74
CA ALA B 38 -10.95 -18.65 -12.21
C ALA B 38 -11.04 -18.74 -10.68
N CYS B 39 -11.24 -17.59 -10.03
CA CYS B 39 -11.34 -17.57 -8.58
C CYS B 39 -12.71 -17.02 -8.17
N ILE B 40 -13.35 -17.66 -7.20
CA ILE B 40 -14.66 -17.21 -6.76
C ILE B 40 -14.70 -16.60 -5.35
N PRO B 41 -15.19 -15.36 -5.24
CA PRO B 41 -15.31 -14.59 -3.99
C PRO B 41 -16.33 -15.24 -3.05
N THR B 42 -16.01 -15.31 -1.76
CA THR B 42 -16.93 -15.92 -0.80
C THR B 42 -17.67 -14.90 0.05
N GLY B 43 -17.57 -13.63 -0.31
CA GLY B 43 -18.26 -12.60 0.46
C GLY B 43 -18.45 -11.37 -0.40
N PRO B 44 -19.15 -10.35 0.13
CA PRO B 44 -19.43 -9.09 -0.57
C PRO B 44 -18.22 -8.16 -0.67
N TYR B 45 -17.23 -8.42 0.17
CA TYR B 45 -16.01 -7.61 0.21
C TYR B 45 -14.72 -8.46 0.20
N PRO B 46 -14.41 -9.08 -0.94
CA PRO B 46 -13.21 -9.91 -1.06
C PRO B 46 -11.97 -9.03 -1.28
N CYS B 47 -10.84 -9.47 -0.75
CA CYS B 47 -9.59 -8.72 -0.88
C CYS B 47 -9.28 -8.41 -2.33
N GLY B 48 -8.79 -7.20 -2.59
CA GLY B 48 -8.37 -6.82 -3.92
C GLY B 48 -9.36 -6.31 -4.94
N LYS B 49 -10.62 -6.18 -4.55
CA LYS B 49 -11.65 -5.72 -5.47
C LYS B 49 -12.18 -4.34 -5.09
N GLN B 50 -12.25 -3.45 -6.07
CA GLN B 50 -12.79 -2.13 -5.83
C GLN B 50 -14.28 -2.33 -5.50
N THR B 51 -14.80 -1.54 -4.56
CA THR B 51 -16.19 -1.69 -4.12
C THR B 51 -17.24 -0.95 -4.94
N LEU B 52 -18.36 -1.62 -5.19
CA LEU B 52 -19.47 -1.00 -5.95
C LEU B 52 -20.70 -0.79 -5.06
N GLU B 53 -21.42 0.29 -5.28
CA GLU B 53 -22.59 0.57 -4.47
C GLU B 53 -23.79 -0.27 -4.88
N ARG B 54 -24.18 -0.20 -6.06
#